data_5WGQ
#
_entry.id   5WGQ
#
_cell.length_a   54.038
_cell.length_b   84.044
_cell.length_c   58.209
_cell.angle_alpha   90.00
_cell.angle_beta   111.25
_cell.angle_gamma   90.00
#
_symmetry.space_group_name_H-M   'P 1 21 1'
#
loop_
_entity.id
_entity.type
_entity.pdbx_description
1 polymer 'Estrogen receptor'
2 polymer SRC2-BCP1
3 non-polymer ESTRADIOL
4 water water
#
loop_
_entity_poly.entity_id
_entity_poly.type
_entity_poly.pdbx_seq_one_letter_code
_entity_poly.pdbx_strand_id
1 'polypeptide(L)'
;MDPMIKRSKKNSLALSLTADQMVSALLDAEPPILYSEYDPTRPFSEASMMGLLTNLADRELVHMINWAKRVPGFVDLTLH
DQVHLLECAWLEILMIGLVWRSMEHPGKLLFAPNLLLDRNQGKCVEGMVEIFDMLLATSSRFRMMNLQGEEFVCLKSIIL
LNSGVYTFLSSTLKSLEEKDHIHRVLDKITDTLIHLMAKAGLTLQQQHQRLAQLLLILSHIRHMSNKGMEHLYSMKCKNV
VPLSDLLLEMLDAHRLHAPTS
;
A,B
2 'polypeptide(L)' (ACE)HK(MK8)LHK(MK8)LQDS(NH2) E,F
#
loop_
_chem_comp.id
_chem_comp.type
_chem_comp.name
_chem_comp.formula
ACE non-polymer 'ACETYL GROUP' 'C2 H4 O'
EST non-polymer ESTRADIOL 'C18 H24 O2'
NH2 non-polymer 'AMINO GROUP' 'H2 N'
#
# COMPACT_ATOMS: atom_id res chain seq x y z
N LEU A 15 15.57 13.58 -16.50
CA LEU A 15 14.56 12.89 -17.30
C LEU A 15 15.11 12.50 -18.66
N SER A 16 15.88 13.41 -19.27
CA SER A 16 16.49 13.15 -20.57
C SER A 16 17.65 12.16 -20.47
N LEU A 17 17.35 10.97 -19.92
CA LEU A 17 18.31 9.88 -19.86
C LEU A 17 17.68 8.66 -20.50
N THR A 18 18.51 7.79 -21.02
CA THR A 18 18.09 6.56 -21.60
C THR A 18 17.52 5.64 -20.54
N ALA A 19 16.98 4.49 -20.92
CA ALA A 19 16.58 3.51 -19.92
C ALA A 19 17.81 2.95 -19.21
N ASP A 20 18.87 2.71 -19.98
CA ASP A 20 20.10 2.14 -19.43
C ASP A 20 20.81 3.10 -18.48
N GLN A 21 20.71 4.40 -18.77
CA GLN A 21 21.31 5.42 -17.94
C GLN A 21 20.56 5.59 -16.63
N MET A 22 19.25 5.34 -16.68
CA MET A 22 18.42 5.39 -15.50
C MET A 22 18.87 4.29 -14.53
N VAL A 23 19.04 3.09 -15.02
CA VAL A 23 19.50 2.00 -14.20
C VAL A 23 20.90 2.24 -13.71
N SER A 24 21.75 2.76 -14.56
CA SER A 24 23.08 3.14 -14.15
C SER A 24 23.09 4.13 -13.03
N ALA A 25 22.37 5.22 -13.20
CA ALA A 25 22.31 6.28 -12.19
C ALA A 25 21.86 5.74 -10.83
N LEU A 26 20.74 5.00 -10.83
CA LEU A 26 20.21 4.44 -9.59
C LEU A 26 21.17 3.43 -8.97
N LEU A 27 21.81 2.60 -9.79
CA LEU A 27 22.79 1.63 -9.29
C LEU A 27 23.97 2.33 -8.63
N ASP A 28 24.46 3.39 -9.24
CA ASP A 28 25.63 4.10 -8.74
C ASP A 28 25.33 4.88 -7.46
N ALA A 29 24.07 5.10 -7.17
CA ALA A 29 23.69 5.92 -6.02
C ALA A 29 23.31 5.09 -4.79
N GLU A 30 23.34 3.77 -4.93
CA GLU A 30 22.94 2.86 -3.85
C GLU A 30 23.70 3.14 -2.56
N PRO A 31 22.98 3.17 -1.44
CA PRO A 31 23.68 3.33 -0.16
C PRO A 31 24.50 2.09 0.19
N PRO A 32 25.49 2.24 1.07
CA PRO A 32 26.27 1.08 1.48
C PRO A 32 25.49 0.18 2.41
N ILE A 33 25.87 -1.08 2.43
CA ILE A 33 25.34 -1.99 3.42
C ILE A 33 26.10 -1.74 4.72
N LEU A 34 25.37 -1.29 5.74
CA LEU A 34 25.98 -0.94 7.01
C LEU A 34 26.09 -2.15 7.93
N TYR A 35 26.87 -1.98 8.98
CA TYR A 35 27.06 -3.03 9.97
C TYR A 35 26.43 -2.67 11.29
N SER A 36 26.20 -3.70 12.10
CA SER A 36 25.82 -3.51 13.48
C SER A 36 27.00 -3.93 14.35
N GLU A 37 26.72 -4.28 15.60
CA GLU A 37 27.77 -4.68 16.52
C GLU A 37 28.06 -6.18 16.42
N TYR A 38 29.31 -6.56 16.71
CA TYR A 38 29.75 -7.95 16.60
C TYR A 38 29.42 -8.78 17.84
N ASP A 39 29.35 -8.11 18.99
CA ASP A 39 29.11 -8.73 20.31
C ASP A 39 28.18 -9.94 20.28
N PRO A 43 21.44 -13.62 22.81
CA PRO A 43 20.37 -13.86 23.78
C PRO A 43 19.62 -12.56 24.08
N PHE A 44 19.00 -11.98 23.07
CA PHE A 44 18.54 -10.59 23.12
C PHE A 44 17.43 -10.28 24.09
N SER A 45 17.61 -9.17 24.78
CA SER A 45 16.52 -8.54 25.48
C SER A 45 15.72 -7.75 24.47
N GLU A 46 14.67 -7.10 24.91
CA GLU A 46 13.90 -6.31 24.02
C GLU A 46 14.65 -5.03 23.84
N ALA A 47 15.32 -4.61 24.88
CA ALA A 47 16.06 -3.37 24.84
C ALA A 47 17.30 -3.48 23.94
N SER A 48 18.04 -4.57 24.07
CA SER A 48 19.27 -4.71 23.29
C SER A 48 18.97 -4.78 21.79
N MET A 49 18.00 -5.60 21.40
CA MET A 49 17.66 -5.73 19.98
C MET A 49 17.13 -4.43 19.39
N MET A 50 16.20 -3.79 20.06
CA MET A 50 15.70 -2.54 19.60
C MET A 50 16.78 -1.45 19.55
N GLY A 51 17.68 -1.43 20.51
CA GLY A 51 18.82 -0.53 20.49
C GLY A 51 19.65 -0.75 19.23
N LEU A 52 19.94 -2.01 18.93
CA LEU A 52 20.71 -2.35 17.75
C LEU A 52 19.96 -2.04 16.46
N LEU A 53 18.67 -2.39 16.41
CA LEU A 53 17.87 -2.17 15.21
C LEU A 53 17.65 -0.69 14.92
N THR A 54 17.48 0.11 15.97
CA THR A 54 17.20 1.54 15.77
C THR A 54 18.48 2.34 15.55
N ASN A 55 19.58 1.89 16.16
CA ASN A 55 20.88 2.49 15.90
C ASN A 55 21.26 2.32 14.43
N LEU A 56 20.98 1.13 13.91
CA LEU A 56 21.25 0.82 12.52
C LEU A 56 20.39 1.66 11.59
N ALA A 57 19.10 1.77 11.92
CA ALA A 57 18.16 2.55 11.12
C ALA A 57 18.54 4.02 11.09
N ASP A 58 19.00 4.55 12.23
CA ASP A 58 19.44 5.93 12.29
C ASP A 58 20.63 6.18 11.39
N ARG A 59 21.56 5.24 11.38
CA ARG A 59 22.73 5.33 10.56
C ARG A 59 22.41 5.14 9.10
N GLU A 60 21.45 4.28 8.80
CA GLU A 60 21.02 4.11 7.42
C GLU A 60 20.28 5.33 6.86
N LEU A 61 19.56 6.03 7.69
CA LEU A 61 18.85 7.20 7.26
C LEU A 61 19.72 8.30 6.71
N VAL A 62 20.85 8.56 7.32
CA VAL A 62 21.76 9.61 6.84
C VAL A 62 22.17 9.33 5.41
N HIS A 63 22.49 8.07 5.14
CA HIS A 63 22.86 7.65 3.80
C HIS A 63 21.67 7.75 2.87
N MET A 64 20.49 7.42 3.37
CA MET A 64 19.28 7.44 2.56
C MET A 64 18.97 8.85 2.05
N ILE A 65 19.19 9.84 2.91
CA ILE A 65 18.99 11.23 2.52
C ILE A 65 19.91 11.57 1.35
N ASN A 66 21.16 11.13 1.44
CA ASN A 66 22.12 11.31 0.39
C ASN A 66 21.69 10.66 -0.91
N TRP A 67 21.27 9.41 -0.84
CA TRP A 67 20.82 8.64 -1.98
C TRP A 67 19.63 9.27 -2.70
N ALA A 68 18.70 9.83 -1.94
CA ALA A 68 17.48 10.41 -2.52
C ALA A 68 17.81 11.59 -3.44
N LYS A 69 18.80 12.38 -3.05
CA LYS A 69 19.25 13.52 -3.86
C LYS A 69 19.78 13.08 -5.22
N ARG A 70 20.11 11.80 -5.34
CA ARG A 70 20.68 11.25 -6.56
C ARG A 70 19.65 10.47 -7.37
N VAL A 71 18.45 10.29 -6.82
CA VAL A 71 17.35 9.73 -7.60
C VAL A 71 16.88 10.80 -8.57
N PRO A 72 17.04 10.54 -9.88
CA PRO A 72 16.80 11.53 -10.93
C PRO A 72 15.43 12.22 -10.81
N GLY A 73 15.46 13.55 -10.81
CA GLY A 73 14.25 14.34 -10.73
C GLY A 73 13.85 14.73 -9.32
N PHE A 74 14.45 14.08 -8.33
CA PHE A 74 14.07 14.34 -6.93
C PHE A 74 14.47 15.75 -6.48
N VAL A 75 15.72 16.14 -6.72
CA VAL A 75 16.19 17.43 -6.22
C VAL A 75 15.57 18.63 -6.94
N ASP A 76 14.87 18.37 -8.04
CA ASP A 76 14.17 19.43 -8.75
C ASP A 76 12.86 19.79 -8.06
N LEU A 77 12.50 19.01 -7.04
CA LEU A 77 11.36 19.33 -6.20
C LEU A 77 11.77 20.36 -5.16
N THR A 78 10.80 21.06 -4.58
CA THR A 78 11.08 22.01 -3.51
C THR A 78 11.52 21.26 -2.26
N LEU A 79 12.25 21.93 -1.37
CA LEU A 79 12.74 21.27 -0.18
C LEU A 79 11.58 20.70 0.66
N HIS A 80 10.53 21.49 0.80
CA HIS A 80 9.34 21.07 1.54
C HIS A 80 8.79 19.74 1.03
N ASP A 81 8.66 19.63 -0.29
CA ASP A 81 8.17 18.41 -0.90
C ASP A 81 9.13 17.25 -0.68
N GLN A 82 10.42 17.48 -0.92
CA GLN A 82 11.45 16.48 -0.69
C GLN A 82 11.37 15.94 0.73
N VAL A 83 11.24 16.84 1.70
CA VAL A 83 11.08 16.47 3.10
C VAL A 83 9.87 15.59 3.32
N HIS A 84 8.77 15.97 2.69
CA HIS A 84 7.51 15.28 2.83
C HIS A 84 7.58 13.86 2.32
N LEU A 85 8.17 13.70 1.17
CA LEU A 85 8.27 12.40 0.56
C LEU A 85 9.15 11.50 1.38
N LEU A 86 10.18 12.04 1.99
CA LEU A 86 11.11 11.24 2.72
C LEU A 86 10.52 10.83 4.03
N GLU A 87 9.87 11.75 4.71
CA GLU A 87 9.15 11.44 5.90
C GLU A 87 8.13 10.38 5.66
N CYS A 88 7.46 10.43 4.54
CA CYS A 88 6.49 9.46 4.22
C CYS A 88 7.05 8.07 3.94
N ALA A 89 8.15 8.01 3.23
CA ALA A 89 8.69 6.77 2.74
C ALA A 89 9.79 6.06 3.55
N TRP A 90 10.35 6.71 4.54
CA TRP A 90 11.59 6.25 5.13
C TRP A 90 11.59 4.83 5.56
N LEU A 91 10.55 4.40 6.25
CA LEU A 91 10.50 3.03 6.71
C LEU A 91 10.26 2.03 5.61
N GLU A 92 9.47 2.42 4.62
CA GLU A 92 9.23 1.57 3.47
C GLU A 92 10.56 1.28 2.77
N ILE A 93 11.43 2.29 2.72
CA ILE A 93 12.67 2.20 1.98
C ILE A 93 13.68 1.32 2.72
N LEU A 94 13.75 1.53 4.02
CA LEU A 94 14.50 0.69 4.90
C LEU A 94 14.09 -0.75 4.77
N MET A 95 12.80 -0.98 4.74
CA MET A 95 12.22 -2.33 4.71
C MET A 95 12.48 -3.07 3.40
N ILE A 96 12.26 -2.42 2.26
CA ILE A 96 12.49 -3.09 0.99
C ILE A 96 13.98 -3.39 0.86
N GLY A 97 14.82 -2.50 1.38
CA GLY A 97 16.26 -2.69 1.37
C GLY A 97 16.61 -3.93 2.17
N LEU A 98 16.00 -4.04 3.35
CA LEU A 98 16.21 -5.20 4.20
C LEU A 98 15.76 -6.47 3.49
N VAL A 99 14.57 -6.41 2.89
CA VAL A 99 14.00 -7.55 2.21
C VAL A 99 14.90 -7.99 1.05
N TRP A 100 15.56 -7.04 0.40
CA TRP A 100 16.46 -7.33 -0.70
C TRP A 100 17.76 -7.99 -0.21
N ARG A 101 18.28 -7.51 0.92
CA ARG A 101 19.48 -8.13 1.50
C ARG A 101 19.16 -9.54 1.97
N SER A 102 17.90 -9.78 2.32
CA SER A 102 17.51 -11.04 2.93
C SER A 102 17.17 -12.12 1.91
N MET A 103 17.20 -11.78 0.64
CA MET A 103 16.70 -12.62 -0.42
C MET A 103 17.38 -13.95 -0.58
N GLU A 104 18.69 -13.97 -0.45
CA GLU A 104 19.46 -15.19 -0.56
C GLU A 104 19.57 -15.93 0.77
N HIS A 105 18.89 -15.42 1.80
CA HIS A 105 18.93 -16.03 3.13
C HIS A 105 17.54 -16.38 3.65
N PRO A 106 16.96 -17.45 3.11
CA PRO A 106 15.60 -17.88 3.49
C PRO A 106 15.45 -18.08 4.99
N GLY A 107 14.27 -17.72 5.51
CA GLY A 107 13.99 -17.89 6.92
C GLY A 107 14.69 -16.84 7.77
N LYS A 108 15.44 -15.96 7.12
CA LYS A 108 16.24 -14.99 7.86
C LYS A 108 16.16 -13.57 7.32
N LEU A 109 16.51 -12.62 8.18
CA LEU A 109 16.54 -11.22 7.83
C LEU A 109 17.95 -10.65 8.00
N LEU A 110 18.51 -10.12 6.93
CA LEU A 110 19.88 -9.61 6.97
C LEU A 110 19.87 -8.11 7.20
N PHE A 111 19.70 -7.71 8.47
CA PHE A 111 19.71 -6.30 8.85
C PHE A 111 21.08 -5.72 8.57
N ALA A 112 22.09 -6.53 8.85
CA ALA A 112 23.47 -6.20 8.60
C ALA A 112 24.19 -7.52 8.34
N PRO A 113 25.38 -7.47 7.71
CA PRO A 113 26.11 -8.72 7.50
C PRO A 113 26.50 -9.42 8.80
N ASN A 114 26.53 -8.69 9.92
CA ASN A 114 26.84 -9.29 11.22
C ASN A 114 25.62 -9.34 12.14
N LEU A 115 24.44 -9.23 11.55
CA LEU A 115 23.18 -9.28 12.30
C LEU A 115 22.12 -10.00 11.48
N LEU A 116 22.25 -11.32 11.38
CA LEU A 116 21.30 -12.16 10.66
C LEU A 116 20.33 -12.79 11.65
N LEU A 117 19.07 -12.35 11.62
CA LEU A 117 18.06 -12.77 12.60
C LEU A 117 16.95 -13.63 11.98
N ASP A 118 16.66 -14.78 12.57
CA ASP A 118 15.50 -15.55 12.12
C ASP A 118 14.26 -15.13 12.93
N ARG A 119 13.11 -15.75 12.64
CA ARG A 119 11.83 -15.27 13.17
C ARG A 119 11.72 -15.42 14.69
N ASN A 120 12.32 -16.48 15.24
CA ASN A 120 12.28 -16.72 16.66
C ASN A 120 12.85 -15.56 17.43
N GLN A 121 13.92 -14.99 16.89
CA GLN A 121 14.59 -13.88 17.54
C GLN A 121 13.71 -12.63 17.51
N GLY A 122 12.71 -12.61 16.64
CA GLY A 122 11.72 -11.57 16.65
C GLY A 122 10.90 -11.58 17.94
N LYS A 123 10.74 -12.76 18.54
CA LYS A 123 9.99 -12.91 19.79
C LYS A 123 10.62 -12.18 20.96
N CYS A 124 11.86 -11.72 20.79
CA CYS A 124 12.57 -11.01 21.84
C CYS A 124 11.98 -9.62 22.07
N VAL A 125 11.15 -9.17 21.15
CA VAL A 125 10.49 -7.91 21.38
C VAL A 125 9.02 -8.00 21.06
N GLU A 126 8.21 -7.50 21.97
CA GLU A 126 6.77 -7.68 21.88
C GLU A 126 6.24 -7.01 20.61
N GLY A 127 5.44 -7.75 19.86
CA GLY A 127 4.83 -7.26 18.64
C GLY A 127 5.71 -7.34 17.40
N MET A 128 6.94 -7.80 17.56
CA MET A 128 7.91 -7.78 16.47
C MET A 128 7.83 -8.97 15.51
N VAL A 129 7.57 -10.16 16.05
CA VAL A 129 7.65 -11.38 15.24
C VAL A 129 6.63 -11.40 14.10
N GLU A 130 5.50 -10.70 14.27
CA GLU A 130 4.52 -10.63 13.19
C GLU A 130 5.05 -9.75 12.07
N ILE A 131 5.82 -8.74 12.44
CA ILE A 131 6.44 -7.88 11.45
C ILE A 131 7.56 -8.66 10.75
N PHE A 132 8.32 -9.44 11.52
CA PHE A 132 9.32 -10.36 10.95
C PHE A 132 8.72 -11.30 9.92
N ASP A 133 7.63 -11.98 10.30
CA ASP A 133 6.95 -12.93 9.41
C ASP A 133 6.59 -12.26 8.08
N MET A 134 6.02 -11.06 8.18
CA MET A 134 5.63 -10.31 6.98
C MET A 134 6.84 -10.01 6.09
N LEU A 135 7.92 -9.52 6.71
CA LEU A 135 9.15 -9.21 6.00
C LEU A 135 9.72 -10.45 5.33
N LEU A 136 9.65 -11.57 6.04
CA LEU A 136 10.11 -12.86 5.51
C LEU A 136 9.23 -13.33 4.36
N ALA A 137 7.94 -13.02 4.41
CA ALA A 137 7.03 -13.38 3.35
C ALA A 137 7.37 -12.62 2.08
N THR A 138 7.78 -11.37 2.25
CA THR A 138 8.10 -10.50 1.12
C THR A 138 9.41 -10.93 0.46
N SER A 139 10.38 -11.34 1.25
CA SER A 139 11.65 -11.82 0.69
C SER A 139 11.43 -13.11 -0.10
N SER A 140 10.56 -13.99 0.40
CA SER A 140 10.15 -15.18 -0.35
C SER A 140 9.61 -14.80 -1.72
N ARG A 141 8.70 -13.83 -1.72
CA ARG A 141 8.07 -13.39 -2.94
C ARG A 141 9.11 -12.91 -3.95
N PHE A 142 10.12 -12.24 -3.45
CA PHE A 142 11.20 -11.79 -4.27
C PHE A 142 11.93 -12.96 -4.86
N ARG A 143 12.18 -13.94 -4.01
CA ARG A 143 12.94 -15.12 -4.40
C ARG A 143 12.17 -15.98 -5.40
N MET A 144 10.86 -16.08 -5.21
CA MET A 144 10.04 -16.80 -6.17
C MET A 144 10.03 -16.06 -7.52
N MET A 145 9.89 -14.72 -7.46
CA MET A 145 9.88 -13.90 -8.67
C MET A 145 11.26 -13.80 -9.31
N ASN A 146 12.29 -14.05 -8.52
CA ASN A 146 13.67 -13.84 -8.92
C ASN A 146 13.93 -12.37 -9.27
N LEU A 147 13.56 -11.49 -8.34
CA LEU A 147 13.79 -10.06 -8.50
C LEU A 147 15.25 -9.79 -8.80
N GLN A 148 15.48 -8.91 -9.78
CA GLN A 148 16.83 -8.50 -10.14
C GLN A 148 17.19 -7.18 -9.47
N GLY A 149 18.49 -6.94 -9.28
CA GLY A 149 18.97 -5.70 -8.68
C GLY A 149 18.47 -4.48 -9.41
N GLU A 150 18.51 -4.53 -10.74
CA GLU A 150 18.01 -3.44 -11.58
C GLU A 150 16.56 -3.15 -11.26
N GLU A 151 15.76 -4.21 -11.15
CA GLU A 151 14.35 -4.10 -10.83
C GLU A 151 14.15 -3.47 -9.46
N PHE A 152 14.98 -3.91 -8.51
CA PHE A 152 14.90 -3.47 -7.12
C PHE A 152 15.10 -1.97 -6.95
N VAL A 153 16.19 -1.42 -7.51
CA VAL A 153 16.49 -0.01 -7.31
C VAL A 153 15.41 0.86 -7.96
N CYS A 154 14.76 0.33 -8.99
CA CYS A 154 13.61 1.01 -9.60
C CYS A 154 12.45 1.07 -8.62
N LEU A 155 12.13 -0.07 -8.01
CA LEU A 155 11.05 -0.13 -7.02
C LEU A 155 11.33 0.76 -5.82
N LYS A 156 12.58 0.78 -5.37
CA LYS A 156 12.95 1.63 -4.24
C LYS A 156 12.73 3.10 -4.60
N SER A 157 13.13 3.48 -5.81
CA SER A 157 12.93 4.85 -6.27
C SER A 157 11.46 5.18 -6.49
N ILE A 158 10.68 4.20 -6.93
CA ILE A 158 9.24 4.39 -7.08
C ILE A 158 8.59 4.68 -5.72
N ILE A 159 8.97 3.91 -4.72
CA ILE A 159 8.51 4.11 -3.35
C ILE A 159 8.74 5.54 -2.86
N LEU A 160 9.94 6.07 -3.09
CA LEU A 160 10.31 7.42 -2.67
C LEU A 160 9.38 8.49 -3.27
N LEU A 161 9.17 8.38 -4.58
CA LEU A 161 8.38 9.37 -5.29
C LEU A 161 6.88 9.16 -5.08
N ASN A 162 6.46 7.90 -4.95
CA ASN A 162 5.02 7.60 -4.92
C ASN A 162 4.34 7.76 -3.56
N SER A 163 4.97 7.30 -2.49
CA SER A 163 4.27 7.11 -1.22
C SER A 163 3.64 8.37 -0.64
N GLY A 164 4.24 9.53 -0.86
CA GLY A 164 3.73 10.74 -0.26
C GLY A 164 3.11 11.74 -1.22
N VAL A 165 2.92 11.34 -2.47
CA VAL A 165 2.47 12.27 -3.49
C VAL A 165 0.98 12.60 -3.35
N TYR A 166 0.22 11.71 -2.71
CA TYR A 166 -1.22 11.93 -2.54
C TYR A 166 -1.56 12.55 -1.18
N LEU A 173 -2.08 25.36 -7.04
CA LEU A 173 -2.07 25.38 -8.50
C LEU A 173 -0.67 25.13 -9.08
N LYS A 174 0.34 25.78 -8.51
CA LYS A 174 1.72 25.43 -8.84
C LYS A 174 2.01 24.07 -8.22
N SER A 175 1.29 23.79 -7.12
CA SER A 175 1.31 22.48 -6.50
C SER A 175 1.02 21.40 -7.54
N LEU A 176 0.11 21.73 -8.46
CA LEU A 176 -0.19 20.86 -9.57
C LEU A 176 1.05 20.61 -10.42
N GLU A 177 1.76 21.69 -10.75
CA GLU A 177 2.95 21.59 -11.60
C GLU A 177 4.01 20.68 -10.99
N GLU A 178 4.07 20.65 -9.66
CA GLU A 178 5.03 19.83 -8.97
C GLU A 178 4.63 18.35 -9.02
N LYS A 179 3.35 18.10 -8.76
CA LYS A 179 2.78 16.77 -8.86
C LYS A 179 3.04 16.15 -10.23
N ASP A 180 2.78 16.94 -11.27
CA ASP A 180 3.01 16.53 -12.65
C ASP A 180 4.43 15.98 -12.84
N HIS A 181 5.40 16.76 -12.36
CA HIS A 181 6.81 16.40 -12.46
C HIS A 181 7.11 15.03 -11.88
N ILE A 182 6.57 14.79 -10.69
CA ILE A 182 6.72 13.51 -10.00
C ILE A 182 6.10 12.37 -10.79
N HIS A 183 4.90 12.60 -11.32
CA HIS A 183 4.23 11.59 -12.13
C HIS A 183 5.00 11.33 -13.41
N ARG A 184 5.69 12.36 -13.88
CA ARG A 184 6.52 12.23 -15.08
C ARG A 184 7.72 11.33 -14.78
N VAL A 185 8.41 11.60 -13.69
CA VAL A 185 9.54 10.78 -13.27
C VAL A 185 9.09 9.34 -13.03
N LEU A 186 7.97 9.20 -12.33
CA LEU A 186 7.40 7.88 -12.08
C LEU A 186 7.16 7.16 -13.41
N ASP A 187 6.59 7.85 -14.39
CA ASP A 187 6.39 7.26 -15.71
C ASP A 187 7.70 6.82 -16.34
N LYS A 188 8.78 7.54 -16.07
CA LYS A 188 10.08 7.19 -16.63
C LYS A 188 10.62 5.90 -16.02
N ILE A 189 10.40 5.71 -14.71
CA ILE A 189 10.86 4.50 -14.05
C ILE A 189 10.03 3.30 -14.51
N THR A 190 8.77 3.53 -14.81
CA THR A 190 7.94 2.45 -15.34
C THR A 190 8.46 2.01 -16.72
N ASP A 191 8.82 2.96 -17.57
CA ASP A 191 9.43 2.64 -18.85
C ASP A 191 10.72 1.85 -18.67
N THR A 192 11.51 2.27 -17.67
CA THR A 192 12.77 1.62 -17.37
C THR A 192 12.57 0.17 -16.96
N LEU A 193 11.59 -0.08 -16.11
CA LEU A 193 11.27 -1.44 -15.66
C LEU A 193 10.85 -2.31 -16.83
N ILE A 194 10.07 -1.73 -17.73
CA ILE A 194 9.59 -2.45 -18.91
C ILE A 194 10.74 -2.71 -19.86
N HIS A 195 11.61 -1.72 -20.05
CA HIS A 195 12.80 -1.88 -20.87
C HIS A 195 13.66 -3.06 -20.39
N LEU A 196 13.82 -3.18 -19.07
CA LEU A 196 14.63 -4.25 -18.50
C LEU A 196 14.02 -5.62 -18.79
N MET A 197 12.70 -5.71 -18.68
CA MET A 197 11.99 -6.95 -18.99
C MET A 197 12.04 -7.27 -20.47
N ALA A 198 11.91 -6.24 -21.31
CA ALA A 198 11.99 -6.41 -22.75
C ALA A 198 13.36 -6.95 -23.16
N LYS A 199 14.42 -6.41 -22.56
CA LYS A 199 15.78 -6.84 -22.87
C LYS A 199 16.03 -8.27 -22.42
N ALA A 200 15.41 -8.64 -21.31
CA ALA A 200 15.54 -10.00 -20.77
C ALA A 200 14.80 -11.01 -21.65
N GLY A 201 14.05 -10.52 -22.64
CA GLY A 201 13.38 -11.37 -23.59
C GLY A 201 11.94 -11.72 -23.26
N LEU A 202 11.38 -11.09 -22.24
CA LEU A 202 10.00 -11.36 -21.85
C LEU A 202 9.00 -10.87 -22.90
N THR A 203 7.98 -11.68 -23.18
CA THR A 203 6.92 -11.26 -24.10
C THR A 203 6.19 -10.06 -23.53
N LEU A 204 5.44 -9.36 -24.36
CA LEU A 204 4.69 -8.19 -23.91
C LEU A 204 3.75 -8.54 -22.77
N GLN A 205 3.11 -9.70 -22.88
CA GLN A 205 2.18 -10.17 -21.87
C GLN A 205 2.90 -10.39 -20.54
N GLN A 206 4.05 -11.06 -20.61
CA GLN A 206 4.87 -11.32 -19.42
C GLN A 206 5.43 -10.04 -18.84
N GLN A 207 5.73 -9.08 -19.71
CA GLN A 207 6.20 -7.78 -19.26
C GLN A 207 5.15 -7.07 -18.43
N HIS A 208 3.90 -7.04 -18.91
CA HIS A 208 2.88 -6.29 -18.17
C HIS A 208 2.44 -7.08 -16.93
N GLN A 209 2.57 -8.40 -16.97
CA GLN A 209 2.26 -9.21 -15.80
C GLN A 209 3.29 -9.00 -14.69
N ARG A 210 4.57 -9.01 -15.06
CA ARG A 210 5.64 -8.85 -14.07
C ARG A 210 5.62 -7.44 -13.46
N LEU A 211 5.41 -6.42 -14.30
CA LEU A 211 5.32 -5.04 -13.80
C LEU A 211 4.29 -4.93 -12.68
N ALA A 212 3.15 -5.58 -12.87
CA ALA A 212 2.07 -5.58 -11.89
C ALA A 212 2.43 -6.33 -10.62
N GLN A 213 2.96 -7.54 -10.79
CA GLN A 213 3.43 -8.33 -9.65
C GLN A 213 4.41 -7.52 -8.82
N LEU A 214 5.32 -6.84 -9.51
CA LEU A 214 6.29 -5.97 -8.84
C LEU A 214 5.62 -4.85 -8.09
N LEU A 215 4.67 -4.18 -8.72
CA LEU A 215 4.05 -3.03 -8.14
C LEU A 215 3.07 -3.37 -7.03
N LEU A 216 2.42 -4.53 -7.09
CA LEU A 216 1.47 -4.94 -6.05
C LEU A 216 2.17 -5.22 -4.71
N ILE A 217 3.44 -5.60 -4.78
CA ILE A 217 4.25 -5.83 -3.60
C ILE A 217 4.44 -4.54 -2.80
N LEU A 218 4.50 -3.43 -3.50
CA LEU A 218 4.52 -2.13 -2.89
C LEU A 218 3.37 -1.84 -1.91
N SER A 219 2.25 -2.49 -2.13
CA SER A 219 1.11 -2.38 -1.24
C SER A 219 1.39 -3.05 0.10
N HIS A 220 2.01 -4.21 0.06
CA HIS A 220 2.39 -4.97 1.21
C HIS A 220 3.48 -4.29 2.01
N ILE A 221 4.35 -3.60 1.32
CA ILE A 221 5.45 -2.88 1.95
C ILE A 221 4.89 -1.67 2.66
N ARG A 222 3.86 -1.06 2.07
CA ARG A 222 3.16 0.04 2.73
C ARG A 222 2.55 -0.47 4.03
N HIS A 223 1.92 -1.63 3.95
CA HIS A 223 1.29 -2.26 5.10
C HIS A 223 2.30 -2.53 6.19
N MET A 224 3.39 -3.19 5.86
CA MET A 224 4.44 -3.47 6.80
C MET A 224 5.00 -2.22 7.41
N SER A 225 5.15 -1.19 6.61
CA SER A 225 5.65 0.09 7.10
C SER A 225 4.70 0.72 8.11
N ASN A 226 3.41 0.75 7.82
CA ASN A 226 2.43 1.30 8.74
C ASN A 226 2.47 0.58 10.08
N LYS A 227 2.70 -0.73 10.04
CA LYS A 227 2.74 -1.54 11.24
C LYS A 227 4.00 -1.27 12.06
N GLY A 228 5.14 -1.18 11.38
CA GLY A 228 6.39 -0.91 12.05
C GLY A 228 6.41 0.49 12.67
N MET A 229 5.79 1.43 11.96
CA MET A 229 5.65 2.79 12.45
C MET A 229 4.96 2.79 13.81
N GLU A 230 3.81 2.10 13.86
CA GLU A 230 3.04 1.96 15.09
C GLU A 230 3.83 1.21 16.15
N HIS A 231 4.52 0.14 15.75
CA HIS A 231 5.32 -0.64 16.69
C HIS A 231 6.40 0.22 17.30
N LEU A 232 7.06 1.01 16.45
CA LEU A 232 8.13 1.90 16.89
C LEU A 232 7.63 3.00 17.83
N TYR A 233 6.45 3.55 17.54
CA TYR A 233 5.89 4.60 18.38
C TYR A 233 5.58 4.04 19.77
N SER A 234 5.12 2.79 19.83
CA SER A 234 4.86 2.15 21.11
C SER A 234 6.16 2.03 21.90
N MET A 235 7.22 1.55 21.24
CA MET A 235 8.52 1.39 21.87
C MET A 235 9.05 2.70 22.45
N LYS A 236 8.87 3.80 21.70
CA LYS A 236 9.21 5.13 22.20
C LYS A 236 8.38 5.47 23.44
N CYS A 237 7.12 5.12 23.40
CA CYS A 237 6.25 5.43 24.50
C CYS A 237 6.66 4.65 25.75
N LYS A 238 7.08 3.42 25.57
CA LYS A 238 7.50 2.55 26.69
C LYS A 238 8.82 3.00 27.30
N ASN A 239 9.55 3.83 26.55
CA ASN A 239 10.93 4.19 26.88
C ASN A 239 11.82 2.97 26.92
N VAL A 240 11.53 2.01 26.06
CA VAL A 240 12.36 0.82 25.98
C VAL A 240 13.76 1.23 25.53
N VAL A 241 13.84 2.19 24.61
CA VAL A 241 15.10 2.48 23.90
C VAL A 241 15.27 3.98 23.55
N PRO A 242 16.52 4.49 23.61
CA PRO A 242 16.81 5.86 23.17
C PRO A 242 16.76 6.00 21.65
N LEU A 243 16.06 7.00 21.15
CA LEU A 243 15.99 7.23 19.70
C LEU A 243 16.70 8.53 19.34
N SER A 244 17.39 8.54 18.20
CA SER A 244 18.08 9.73 17.73
C SER A 244 17.07 10.82 17.40
N ASP A 245 17.52 12.07 17.43
CA ASP A 245 16.66 13.21 17.10
C ASP A 245 16.03 13.02 15.72
N LEU A 246 16.83 12.53 14.77
CA LEU A 246 16.35 12.29 13.42
C LEU A 246 15.27 11.23 13.37
N LEU A 247 15.58 10.06 13.91
CA LEU A 247 14.66 8.92 13.90
C LEU A 247 13.36 9.30 14.60
N LEU A 248 13.50 10.14 15.63
CA LEU A 248 12.38 10.63 16.41
C LEU A 248 11.48 11.53 15.57
N GLU A 249 12.10 12.43 14.81
CA GLU A 249 11.36 13.39 13.98
C GLU A 249 10.67 12.72 12.78
N MET A 250 11.24 11.62 12.29
CA MET A 250 10.63 10.87 11.19
C MET A 250 9.41 10.13 11.69
N LEU A 251 9.54 9.58 12.89
CA LEU A 251 8.44 8.94 13.60
C LEU A 251 7.34 9.96 13.86
N ASP A 252 7.74 11.08 14.43
CA ASP A 252 6.85 12.20 14.73
C ASP A 252 6.11 12.73 13.48
N ALA A 253 6.69 12.52 12.31
CA ALA A 253 6.11 12.99 11.04
C ALA A 253 4.82 12.26 10.68
N HIS A 254 4.68 11.05 11.14
CA HIS A 254 3.49 10.29 10.95
C HIS A 254 2.54 10.52 12.09
N LEU B 13 -12.84 -21.23 -13.62
CA LEU B 13 -13.45 -20.37 -14.62
C LEU B 13 -12.57 -19.15 -14.91
N ALA B 14 -12.17 -18.46 -13.86
CA ALA B 14 -11.39 -17.22 -13.95
C ALA B 14 -10.21 -17.27 -14.93
N LEU B 15 -9.46 -18.36 -14.89
CA LEU B 15 -8.23 -18.46 -15.65
C LEU B 15 -8.46 -18.66 -17.16
N SER B 16 -9.61 -19.22 -17.52
CA SER B 16 -9.86 -19.49 -18.94
C SER B 16 -10.85 -18.50 -19.57
N LEU B 17 -11.11 -17.39 -18.89
CA LEU B 17 -12.01 -16.36 -19.41
C LEU B 17 -11.30 -15.39 -20.35
N THR B 18 -12.00 -14.93 -21.37
CA THR B 18 -11.45 -13.84 -22.17
C THR B 18 -11.54 -12.56 -21.35
N ALA B 19 -10.68 -11.59 -21.65
CA ALA B 19 -10.65 -10.35 -20.88
C ALA B 19 -12.02 -9.66 -20.90
N ASP B 20 -12.75 -9.80 -22.00
CA ASP B 20 -14.10 -9.25 -22.07
C ASP B 20 -15.06 -9.99 -21.15
N GLN B 21 -14.90 -11.30 -21.05
CA GLN B 21 -15.75 -12.10 -20.18
C GLN B 21 -15.42 -11.88 -18.70
N MET B 22 -14.15 -11.57 -18.41
CA MET B 22 -13.76 -11.24 -17.04
C MET B 22 -14.34 -9.89 -16.63
N VAL B 23 -14.31 -8.92 -17.55
CA VAL B 23 -14.89 -7.61 -17.30
C VAL B 23 -16.38 -7.74 -16.97
N SER B 24 -17.09 -8.52 -17.77
CA SER B 24 -18.53 -8.70 -17.60
C SER B 24 -18.89 -9.35 -16.27
N ALA B 25 -18.20 -10.43 -15.94
CA ALA B 25 -18.44 -11.14 -14.70
C ALA B 25 -18.25 -10.20 -13.51
N LEU B 26 -17.18 -9.40 -13.55
CA LEU B 26 -16.92 -8.41 -12.51
C LEU B 26 -18.00 -7.32 -12.48
N LEU B 27 -18.50 -6.94 -13.65
CA LEU B 27 -19.51 -5.89 -13.73
C LEU B 27 -20.86 -6.32 -13.16
N ASP B 28 -21.23 -7.58 -13.35
CA ASP B 28 -22.52 -8.07 -12.87
C ASP B 28 -22.45 -8.64 -11.47
N ALA B 29 -21.25 -8.65 -10.90
CA ALA B 29 -21.05 -9.04 -9.50
C ALA B 29 -21.16 -7.83 -8.57
N GLU B 30 -21.06 -6.64 -9.17
CA GLU B 30 -21.08 -5.36 -8.43
C GLU B 30 -22.21 -5.27 -7.41
N PRO B 31 -21.87 -4.90 -6.17
CA PRO B 31 -22.92 -4.67 -5.18
C PRO B 31 -23.61 -3.35 -5.45
N PRO B 32 -24.81 -3.16 -4.91
CA PRO B 32 -25.48 -1.89 -5.19
C PRO B 32 -24.91 -0.77 -4.34
N ILE B 33 -25.16 0.46 -4.76
CA ILE B 33 -24.92 1.61 -3.91
C ILE B 33 -26.04 1.67 -2.89
N LEU B 34 -25.74 1.57 -1.62
CA LEU B 34 -26.76 1.67 -0.59
C LEU B 34 -26.96 3.06 -0.04
N TYR B 35 -27.87 3.16 0.90
CA TYR B 35 -28.30 4.42 1.44
C TYR B 35 -28.01 4.49 2.90
N SER B 36 -27.90 5.69 3.40
CA SER B 36 -27.71 5.86 4.80
C SER B 36 -29.01 6.05 5.57
N GLU B 37 -28.99 5.66 6.83
CA GLU B 37 -30.05 5.92 7.76
C GLU B 37 -30.23 7.39 8.07
N TYR B 38 -29.46 8.23 7.42
CA TYR B 38 -29.49 9.64 7.67
C TYR B 38 -30.82 10.32 7.94
N ASP B 39 -30.82 11.10 9.01
CA ASP B 39 -31.80 12.10 9.41
C ASP B 39 -32.80 11.69 10.48
N PRO B 43 -28.96 16.92 14.60
CA PRO B 43 -27.69 17.37 14.00
C PRO B 43 -26.61 16.31 14.14
N PHE B 44 -25.55 16.47 13.39
CA PHE B 44 -24.42 15.58 13.55
C PHE B 44 -23.81 15.78 14.92
N SER B 45 -23.25 14.70 15.44
CA SER B 45 -22.33 14.77 16.54
C SER B 45 -21.29 13.74 16.16
N GLU B 46 -20.26 13.60 16.96
CA GLU B 46 -19.24 12.63 16.65
C GLU B 46 -19.80 11.21 16.78
N ALA B 47 -20.69 11.03 17.75
CA ALA B 47 -21.30 9.72 17.96
C ALA B 47 -22.29 9.38 16.86
N SER B 48 -23.10 10.34 16.44
CA SER B 48 -24.12 10.10 15.42
C SER B 48 -23.50 9.93 14.04
N MET B 49 -22.33 10.51 13.81
CA MET B 49 -21.69 10.37 12.51
C MET B 49 -21.00 9.02 12.40
N MET B 50 -20.29 8.62 13.45
CA MET B 50 -19.68 7.31 13.48
C MET B 50 -20.74 6.21 13.42
N GLY B 51 -21.88 6.47 14.06
CA GLY B 51 -23.01 5.57 14.01
C GLY B 51 -23.48 5.36 12.59
N LEU B 52 -23.73 6.47 11.88
CA LEU B 52 -24.17 6.41 10.50
C LEU B 52 -23.17 5.67 9.61
N LEU B 53 -21.88 5.98 9.79
CA LEU B 53 -20.84 5.38 8.96
C LEU B 53 -20.64 3.89 9.25
N THR B 54 -20.86 3.47 10.49
CA THR B 54 -20.67 2.06 10.84
C THR B 54 -21.92 1.24 10.53
N ASN B 55 -23.09 1.84 10.66
CA ASN B 55 -24.33 1.18 10.21
C ASN B 55 -24.21 0.85 8.73
N LEU B 56 -23.81 1.86 7.96
CA LEU B 56 -23.65 1.75 6.51
C LEU B 56 -22.57 0.73 6.16
N ALA B 57 -21.41 0.84 6.80
CA ALA B 57 -20.31 -0.08 6.58
C ALA B 57 -20.75 -1.52 6.80
N ASP B 58 -21.44 -1.76 7.92
CA ASP B 58 -21.93 -3.09 8.23
C ASP B 58 -22.91 -3.62 7.18
N ARG B 59 -23.79 -2.77 6.66
CA ARG B 59 -24.72 -3.24 5.64
C ARG B 59 -24.01 -3.53 4.31
N GLU B 60 -23.05 -2.70 3.94
CA GLU B 60 -22.25 -2.93 2.74
C GLU B 60 -21.44 -4.21 2.84
N LEU B 61 -20.96 -4.52 4.04
CA LEU B 61 -20.16 -5.72 4.27
C LEU B 61 -20.90 -7.00 3.90
N VAL B 62 -22.22 -7.01 4.12
CA VAL B 62 -23.02 -8.16 3.77
C VAL B 62 -23.09 -8.32 2.25
N HIS B 63 -23.20 -7.20 1.54
CA HIS B 63 -23.14 -7.22 0.08
C HIS B 63 -21.74 -7.56 -0.42
N MET B 64 -20.71 -7.12 0.29
CA MET B 64 -19.33 -7.37 -0.10
C MET B 64 -19.03 -8.86 -0.01
N ILE B 65 -19.55 -9.50 1.02
CA ILE B 65 -19.41 -10.94 1.19
C ILE B 65 -20.03 -11.66 0.00
N ASN B 66 -21.18 -11.15 -0.44
CA ASN B 66 -21.87 -11.74 -1.58
C ASN B 66 -21.19 -11.40 -2.91
N TRP B 67 -20.66 -10.19 -3.02
CA TRP B 67 -19.90 -9.79 -4.21
C TRP B 67 -18.65 -10.64 -4.39
N ALA B 68 -17.90 -10.79 -3.31
CA ALA B 68 -16.67 -11.58 -3.30
C ALA B 68 -16.93 -13.01 -3.78
N LYS B 69 -18.06 -13.56 -3.39
CA LYS B 69 -18.46 -14.91 -3.78
C LYS B 69 -18.91 -14.98 -5.24
N ARG B 70 -18.78 -13.87 -5.96
CA ARG B 70 -19.10 -13.84 -7.38
C ARG B 70 -17.89 -13.35 -8.19
N VAL B 71 -16.75 -13.23 -7.52
CA VAL B 71 -15.52 -12.90 -8.20
C VAL B 71 -14.88 -14.19 -8.69
N PRO B 72 -14.66 -14.31 -10.01
CA PRO B 72 -13.96 -15.48 -10.54
C PRO B 72 -12.61 -15.64 -9.87
N GLY B 73 -12.23 -16.86 -9.52
CA GLY B 73 -10.96 -17.07 -8.86
C GLY B 73 -11.07 -17.01 -7.35
N PHE B 74 -11.93 -16.12 -6.85
CA PHE B 74 -12.16 -16.06 -5.41
C PHE B 74 -12.95 -17.27 -4.98
N VAL B 75 -13.87 -17.67 -5.85
CA VAL B 75 -14.75 -18.79 -5.58
C VAL B 75 -14.00 -20.12 -5.46
N ASP B 76 -12.81 -20.19 -6.04
CA ASP B 76 -12.04 -21.44 -6.08
C ASP B 76 -11.24 -21.69 -4.80
N LEU B 77 -10.98 -20.63 -4.04
CA LEU B 77 -10.15 -20.72 -2.84
C LEU B 77 -10.86 -21.46 -1.71
N THR B 78 -10.09 -21.92 -0.73
CA THR B 78 -10.68 -22.53 0.44
C THR B 78 -11.40 -21.46 1.25
N LEU B 79 -12.32 -21.89 2.08
CA LEU B 79 -13.10 -21.00 2.92
C LEU B 79 -12.20 -20.14 3.81
N HIS B 80 -11.14 -20.75 4.32
CA HIS B 80 -10.27 -20.06 5.26
C HIS B 80 -9.38 -19.05 4.55
N ASP B 81 -8.99 -19.34 3.32
CA ASP B 81 -8.24 -18.38 2.51
C ASP B 81 -9.14 -17.21 2.10
N GLN B 82 -10.38 -17.52 1.74
CA GLN B 82 -11.34 -16.49 1.39
C GLN B 82 -11.52 -15.50 2.52
N VAL B 83 -11.73 -16.05 3.71
CA VAL B 83 -11.93 -15.28 4.93
C VAL B 83 -10.72 -14.41 5.26
N HIS B 84 -9.54 -15.02 5.22
CA HIS B 84 -8.30 -14.30 5.46
C HIS B 84 -8.18 -13.08 4.56
N LEU B 85 -8.47 -13.26 3.27
CA LEU B 85 -8.36 -12.19 2.30
C LEU B 85 -9.42 -11.11 2.50
N LEU B 86 -10.66 -11.50 2.78
CA LEU B 86 -11.72 -10.53 3.04
C LEU B 86 -11.40 -9.69 4.28
N GLU B 87 -10.89 -10.37 5.30
CA GLU B 87 -10.49 -9.69 6.54
C GLU B 87 -9.39 -8.66 6.32
N CYS B 88 -8.43 -9.02 5.51
CA CYS B 88 -7.34 -8.17 5.22
C CYS B 88 -7.72 -6.94 4.43
N ALA B 89 -8.62 -7.11 3.51
CA ALA B 89 -8.93 -6.11 2.49
C ALA B 89 -10.26 -5.36 2.63
N TRP B 90 -11.07 -5.71 3.63
CA TRP B 90 -12.46 -5.23 3.65
C TRP B 90 -12.58 -3.70 3.64
N LEU B 91 -11.69 -3.00 4.34
CA LEU B 91 -11.79 -1.55 4.43
C LEU B 91 -11.15 -0.87 3.21
N GLU B 92 -10.14 -1.50 2.62
CA GLU B 92 -9.60 -1.02 1.36
C GLU B 92 -10.72 -1.00 0.33
N ILE B 93 -11.50 -2.08 0.34
CA ILE B 93 -12.59 -2.26 -0.60
C ILE B 93 -13.73 -1.26 -0.38
N LEU B 94 -14.16 -1.06 0.87
CA LEU B 94 -15.14 -0.01 1.16
C LEU B 94 -14.60 1.34 0.69
N MET B 95 -13.32 1.57 0.95
CA MET B 95 -12.70 2.84 0.59
C MET B 95 -12.60 3.06 -0.91
N ILE B 96 -12.25 2.02 -1.67
CA ILE B 96 -12.11 2.22 -3.11
C ILE B 96 -13.49 2.41 -3.76
N GLY B 97 -14.53 1.82 -3.16
CA GLY B 97 -15.89 2.07 -3.61
C GLY B 97 -16.31 3.50 -3.32
N LEU B 98 -16.05 3.96 -2.10
CA LEU B 98 -16.38 5.32 -1.69
C LEU B 98 -15.78 6.36 -2.62
N VAL B 99 -14.52 6.17 -2.94
CA VAL B 99 -13.76 7.02 -3.81
C VAL B 99 -14.32 7.04 -5.23
N TRP B 100 -14.66 5.88 -5.76
CA TRP B 100 -15.25 5.77 -7.08
C TRP B 100 -16.58 6.53 -7.13
N ARG B 101 -17.42 6.30 -6.12
CA ARG B 101 -18.68 7.01 -5.93
C ARG B 101 -18.51 8.52 -5.87
N SER B 102 -17.37 8.95 -5.34
CA SER B 102 -17.15 10.37 -5.05
C SER B 102 -16.53 11.13 -6.22
N MET B 103 -16.40 10.49 -7.37
CA MET B 103 -15.69 11.10 -8.50
C MET B 103 -16.38 12.35 -9.03
N GLU B 104 -17.70 12.28 -9.19
CA GLU B 104 -18.45 13.41 -9.73
C GLU B 104 -18.74 14.45 -8.67
N HIS B 105 -18.22 14.23 -7.46
CA HIS B 105 -18.48 15.14 -6.36
C HIS B 105 -17.17 15.62 -5.72
N PRO B 106 -16.43 16.47 -6.44
CA PRO B 106 -15.15 16.98 -5.93
C PRO B 106 -15.34 17.77 -4.64
N GLY B 107 -14.41 17.59 -3.70
CA GLY B 107 -14.47 18.28 -2.43
C GLY B 107 -15.45 17.63 -1.48
N LYS B 108 -16.05 16.52 -1.92
CA LYS B 108 -17.10 15.86 -1.16
C LYS B 108 -17.01 14.33 -1.22
N LEU B 109 -17.53 13.66 -0.20
CA LEU B 109 -17.46 12.21 -0.13
C LEU B 109 -18.85 11.59 -0.08
N LEU B 110 -19.20 10.85 -1.15
CA LEU B 110 -20.50 10.20 -1.25
C LEU B 110 -20.52 8.84 -0.59
N PHE B 111 -20.68 8.81 0.72
CA PHE B 111 -20.84 7.55 1.44
C PHE B 111 -22.10 6.85 0.98
N ALA B 112 -23.11 7.65 0.67
CA ALA B 112 -24.39 7.17 0.16
C ALA B 112 -25.08 8.33 -0.56
N PRO B 113 -26.00 8.02 -1.48
CA PRO B 113 -26.69 9.10 -2.19
C PRO B 113 -27.35 10.14 -1.27
N ASN B 114 -27.67 9.75 -0.03
CA ASN B 114 -28.23 10.68 0.93
C ASN B 114 -27.23 11.06 2.02
N LEU B 115 -25.96 10.77 1.80
CA LEU B 115 -24.92 11.11 2.76
C LEU B 115 -23.67 11.58 2.04
N LEU B 116 -23.76 12.78 1.48
CA LEU B 116 -22.65 13.43 0.78
C LEU B 116 -21.98 14.43 1.72
N LEU B 117 -20.78 14.11 2.18
CA LEU B 117 -20.12 14.91 3.21
C LEU B 117 -18.91 15.68 2.68
N ASP B 118 -18.73 16.91 3.16
CA ASP B 118 -17.54 17.67 2.83
C ASP B 118 -16.52 17.65 3.97
N ARG B 119 -15.41 18.34 3.76
CA ARG B 119 -14.30 18.38 4.71
C ARG B 119 -14.72 18.95 6.06
N ASN B 120 -15.48 20.04 6.01
CA ASN B 120 -16.01 20.68 7.21
C ASN B 120 -16.79 19.71 8.08
N GLN B 121 -17.50 18.80 7.42
CA GLN B 121 -18.35 17.85 8.12
C GLN B 121 -17.54 16.72 8.73
N GLY B 122 -16.36 16.46 8.16
CA GLY B 122 -15.46 15.45 8.71
C GLY B 122 -14.91 15.84 10.07
N LYS B 123 -14.85 17.14 10.35
CA LYS B 123 -14.29 17.64 11.59
C LYS B 123 -15.14 17.29 12.81
N CYS B 124 -16.42 17.00 12.57
CA CYS B 124 -17.34 16.62 13.65
C CYS B 124 -16.83 15.42 14.43
N VAL B 125 -16.10 14.53 13.75
CA VAL B 125 -15.47 13.39 14.40
C VAL B 125 -13.96 13.59 14.55
N GLU B 126 -13.46 13.32 15.75
CA GLU B 126 -12.04 13.47 16.06
C GLU B 126 -11.16 12.56 15.21
N GLY B 127 -10.09 13.12 14.68
CA GLY B 127 -9.10 12.37 13.92
C GLY B 127 -9.53 11.96 12.52
N MET B 128 -10.74 12.37 12.14
CA MET B 128 -11.35 11.90 10.91
C MET B 128 -10.92 12.74 9.69
N VAL B 129 -10.76 14.03 9.89
CA VAL B 129 -10.50 14.97 8.79
C VAL B 129 -9.24 14.60 7.98
N GLU B 130 -8.26 13.99 8.64
CA GLU B 130 -7.03 13.61 7.96
C GLU B 130 -7.31 12.52 6.94
N ILE B 131 -8.20 11.60 7.31
CA ILE B 131 -8.55 10.48 6.44
C ILE B 131 -9.47 10.95 5.32
N PHE B 132 -10.36 11.89 5.65
CA PHE B 132 -11.18 12.54 4.64
C PHE B 132 -10.30 13.10 3.52
N ASP B 133 -9.32 13.91 3.90
CA ASP B 133 -8.44 14.55 2.95
C ASP B 133 -7.73 13.54 2.05
N MET B 134 -7.24 12.45 2.64
CA MET B 134 -6.61 11.39 1.85
C MET B 134 -7.58 10.79 0.84
N LEU B 135 -8.80 10.49 1.30
CA LEU B 135 -9.84 9.94 0.42
C LEU B 135 -10.19 10.91 -0.72
N LEU B 136 -10.29 12.19 -0.40
CA LEU B 136 -10.57 13.21 -1.40
C LEU B 136 -9.44 13.31 -2.44
N ALA B 137 -8.20 13.18 -1.97
CA ALA B 137 -7.05 13.21 -2.87
C ALA B 137 -7.09 11.99 -3.79
N THR B 138 -7.47 10.85 -3.22
CA THR B 138 -7.56 9.62 -4.01
C THR B 138 -8.65 9.77 -5.06
N SER B 139 -9.73 10.39 -4.71
CA SER B 139 -10.83 10.57 -5.61
C SER B 139 -10.49 11.56 -6.67
N SER B 140 -9.77 12.58 -6.27
CA SER B 140 -9.26 13.55 -7.22
C SER B 140 -8.31 12.88 -8.22
N ARG B 141 -7.45 11.98 -7.73
CA ARG B 141 -6.50 11.29 -8.60
C ARG B 141 -7.21 10.47 -9.67
N PHE B 142 -8.24 9.74 -9.28
CA PHE B 142 -9.06 8.96 -10.22
C PHE B 142 -9.80 9.82 -11.24
N ARG B 143 -10.23 11.01 -10.83
CA ARG B 143 -10.94 11.91 -11.73
C ARG B 143 -10.02 12.46 -12.82
N MET B 144 -8.81 12.86 -12.43
CA MET B 144 -7.84 13.38 -13.38
C MET B 144 -7.37 12.29 -14.34
N MET B 145 -7.30 11.06 -13.84
CA MET B 145 -6.91 9.93 -14.68
C MET B 145 -8.06 9.44 -15.54
N ASN B 146 -9.26 9.99 -15.31
CA ASN B 146 -10.46 9.56 -15.99
C ASN B 146 -10.65 8.05 -15.86
N LEU B 147 -10.56 7.57 -14.62
CA LEU B 147 -10.78 6.16 -14.32
C LEU B 147 -12.10 5.67 -14.92
N GLN B 148 -12.07 4.47 -15.50
CA GLN B 148 -13.28 3.87 -16.06
C GLN B 148 -13.82 2.80 -15.11
N GLY B 149 -15.12 2.55 -15.20
CA GLY B 149 -15.77 1.59 -14.32
C GLY B 149 -15.19 0.20 -14.47
N GLU B 150 -14.88 -0.16 -15.70
CA GLU B 150 -14.28 -1.45 -16.01
C GLU B 150 -12.90 -1.57 -15.38
N GLU B 151 -12.17 -0.46 -15.35
CA GLU B 151 -10.88 -0.43 -14.67
C GLU B 151 -11.09 -0.51 -13.16
N PHE B 152 -12.13 0.17 -12.69
CA PHE B 152 -12.44 0.20 -11.27
C PHE B 152 -12.72 -1.20 -10.72
N VAL B 153 -13.57 -1.97 -11.40
CA VAL B 153 -13.89 -3.30 -10.90
C VAL B 153 -12.69 -4.24 -10.99
N CYS B 154 -11.80 -4.00 -11.94
CA CYS B 154 -10.56 -4.77 -12.01
C CYS B 154 -9.71 -4.47 -10.79
N LEU B 155 -9.56 -3.18 -10.49
CA LEU B 155 -8.77 -2.74 -9.35
C LEU B 155 -9.31 -3.29 -8.03
N LYS B 156 -10.63 -3.22 -7.87
CA LYS B 156 -11.28 -3.67 -6.64
C LYS B 156 -11.02 -5.14 -6.38
N SER B 157 -11.07 -5.94 -7.43
CA SER B 157 -10.80 -7.38 -7.31
C SER B 157 -9.33 -7.69 -7.12
N ILE B 158 -8.45 -6.84 -7.64
CA ILE B 158 -7.01 -7.00 -7.40
C ILE B 158 -6.74 -6.89 -5.90
N ILE B 159 -7.29 -5.85 -5.27
CA ILE B 159 -7.21 -5.66 -3.81
C ILE B 159 -7.69 -6.87 -3.02
N LEU B 160 -8.83 -7.43 -3.41
CA LEU B 160 -9.40 -8.59 -2.72
C LEU B 160 -8.45 -9.78 -2.73
N LEU B 161 -7.77 -9.98 -3.85
CA LEU B 161 -6.91 -11.14 -4.04
C LEU B 161 -5.46 -10.87 -3.63
N ASN B 162 -5.08 -9.60 -3.63
CA ASN B 162 -3.68 -9.23 -3.40
C ASN B 162 -3.33 -8.93 -1.96
N SER B 163 -4.17 -8.17 -1.29
CA SER B 163 -3.77 -7.52 -0.05
C SER B 163 -3.27 -8.49 1.02
N GLY B 164 -3.96 -9.61 1.19
CA GLY B 164 -3.55 -10.60 2.18
C GLY B 164 -2.87 -11.81 1.60
N VAL B 165 -2.45 -11.73 0.33
CA VAL B 165 -1.92 -12.91 -0.33
C VAL B 165 -0.54 -13.29 0.23
N TYR B 166 0.07 -12.36 0.96
CA TYR B 166 1.37 -12.62 1.58
C TYR B 166 1.26 -12.80 3.09
N THR B 167 0.03 -12.71 3.62
CA THR B 167 -0.17 -12.89 5.07
C THR B 167 -0.78 -14.24 5.38
N LYS B 179 -2.40 -19.75 -3.59
CA LYS B 179 -1.37 -18.72 -3.60
C LYS B 179 -0.79 -18.62 -4.97
N ASP B 180 -0.22 -19.68 -5.48
CA ASP B 180 0.09 -19.69 -6.90
C ASP B 180 -1.19 -19.38 -7.69
N HIS B 181 -2.28 -20.08 -7.37
CA HIS B 181 -3.56 -19.88 -8.06
C HIS B 181 -4.01 -18.42 -7.99
N ILE B 182 -3.94 -17.84 -6.80
CA ILE B 182 -4.29 -16.43 -6.61
C ILE B 182 -3.48 -15.51 -7.52
N HIS B 183 -2.19 -15.81 -7.65
CA HIS B 183 -1.32 -14.98 -8.47
C HIS B 183 -1.59 -15.12 -9.96
N ARG B 184 -2.12 -16.28 -10.36
CA ARG B 184 -2.46 -16.48 -11.76
C ARG B 184 -3.73 -15.72 -12.11
N VAL B 185 -4.69 -15.71 -11.17
CA VAL B 185 -5.90 -14.93 -11.36
C VAL B 185 -5.56 -13.44 -11.40
N LEU B 186 -4.59 -13.03 -10.60
CA LEU B 186 -4.08 -11.66 -10.63
C LEU B 186 -3.43 -11.33 -11.97
N ASP B 187 -2.72 -12.28 -12.56
CA ASP B 187 -2.14 -12.11 -13.88
C ASP B 187 -3.26 -11.94 -14.91
N LYS B 188 -4.34 -12.68 -14.71
CA LYS B 188 -5.48 -12.61 -15.59
C LYS B 188 -6.14 -11.24 -15.54
N ILE B 189 -6.21 -10.65 -14.35
CA ILE B 189 -6.85 -9.36 -14.20
C ILE B 189 -5.94 -8.26 -14.74
N THR B 190 -4.63 -8.49 -14.70
CA THR B 190 -3.68 -7.58 -15.33
C THR B 190 -3.87 -7.62 -16.85
N ASP B 191 -3.96 -8.82 -17.42
CA ASP B 191 -4.24 -8.99 -18.85
C ASP B 191 -5.49 -8.22 -19.24
N THR B 192 -6.45 -8.21 -18.32
CA THR B 192 -7.76 -7.62 -18.53
C THR B 192 -7.72 -6.09 -18.55
N LEU B 193 -6.94 -5.50 -17.64
CA LEU B 193 -6.78 -4.06 -17.58
C LEU B 193 -6.11 -3.52 -18.83
N ILE B 194 -5.02 -4.18 -19.23
CA ILE B 194 -4.27 -3.83 -20.41
C ILE B 194 -5.16 -3.82 -21.65
N HIS B 195 -5.83 -4.95 -21.85
CA HIS B 195 -6.78 -5.18 -22.94
C HIS B 195 -7.80 -4.04 -23.06
N LEU B 196 -8.31 -3.55 -21.93
CA LEU B 196 -9.19 -2.41 -21.92
C LEU B 196 -8.52 -1.13 -22.36
N MET B 197 -7.26 -0.95 -21.97
CA MET B 197 -6.54 0.23 -22.29
C MET B 197 -6.22 0.25 -23.79
N ALA B 198 -5.75 -0.87 -24.29
CA ALA B 198 -5.47 -1.06 -25.69
C ALA B 198 -6.70 -0.79 -26.53
N LYS B 199 -7.84 -1.29 -26.09
CA LYS B 199 -9.06 -1.11 -26.82
C LYS B 199 -9.52 0.32 -26.86
N ALA B 200 -9.14 1.06 -25.87
CA ALA B 200 -9.50 2.48 -25.82
C ALA B 200 -8.51 3.33 -26.63
N GLY B 201 -7.58 2.67 -27.32
CA GLY B 201 -6.70 3.36 -28.26
C GLY B 201 -5.33 3.79 -27.74
N LEU B 202 -5.01 3.41 -26.51
CA LEU B 202 -3.73 3.77 -25.90
C LEU B 202 -2.55 3.01 -26.51
N THR B 203 -1.40 3.65 -26.55
CA THR B 203 -0.19 3.00 -27.07
C THR B 203 0.33 1.97 -26.07
N LEU B 204 1.26 1.14 -26.50
CA LEU B 204 1.88 0.19 -25.59
C LEU B 204 2.53 0.92 -24.42
N GLN B 205 3.23 2.02 -24.71
CA GLN B 205 3.89 2.80 -23.67
C GLN B 205 2.88 3.43 -22.72
N GLN B 206 1.76 3.89 -23.26
CA GLN B 206 0.74 4.54 -22.44
C GLN B 206 0.02 3.51 -21.57
N GLN B 207 -0.14 2.30 -22.12
CA GLN B 207 -0.78 1.19 -21.41
C GLN B 207 0.00 0.80 -20.16
N HIS B 208 1.30 0.60 -20.29
CA HIS B 208 2.06 0.11 -19.14
C HIS B 208 2.25 1.25 -18.14
N GLN B 209 2.27 2.48 -18.63
CA GLN B 209 2.35 3.62 -17.72
C GLN B 209 1.07 3.75 -16.90
N ARG B 210 -0.08 3.64 -17.55
CA ARG B 210 -1.36 3.79 -16.88
C ARG B 210 -1.58 2.66 -15.88
N LEU B 211 -1.20 1.45 -16.27
CA LEU B 211 -1.26 0.31 -15.37
C LEU B 211 -0.50 0.62 -14.09
N ALA B 212 0.74 1.09 -14.24
CA ALA B 212 1.56 1.47 -13.11
C ALA B 212 0.89 2.53 -12.25
N GLN B 213 0.32 3.55 -12.89
CA GLN B 213 -0.38 4.62 -12.19
C GLN B 213 -1.51 4.04 -11.32
N LEU B 214 -2.36 3.22 -11.94
CA LEU B 214 -3.47 2.57 -11.23
C LEU B 214 -3.00 1.74 -10.04
N LEU B 215 -1.99 0.91 -10.27
CA LEU B 215 -1.49 0.00 -9.23
C LEU B 215 -0.79 0.71 -8.10
N LEU B 216 -0.16 1.84 -8.39
CA LEU B 216 0.54 2.61 -7.37
C LEU B 216 -0.45 3.29 -6.41
N ILE B 217 -1.66 3.51 -6.87
CA ILE B 217 -2.68 4.14 -6.04
C ILE B 217 -3.13 3.17 -4.94
N LEU B 218 -3.02 1.87 -5.21
CA LEU B 218 -3.37 0.84 -4.22
C LEU B 218 -2.47 0.92 -2.98
N SER B 219 -1.23 1.34 -3.17
CA SER B 219 -0.35 1.57 -2.04
C SER B 219 -0.94 2.64 -1.13
N HIS B 220 -1.49 3.69 -1.74
CA HIS B 220 -2.11 4.74 -0.96
C HIS B 220 -3.40 4.25 -0.31
N ILE B 221 -4.14 3.42 -1.02
CA ILE B 221 -5.38 2.86 -0.49
C ILE B 221 -5.10 1.94 0.69
N ARG B 222 -4.00 1.18 0.62
CA ARG B 222 -3.57 0.38 1.76
C ARG B 222 -3.27 1.28 2.95
N HIS B 223 -2.54 2.36 2.69
CA HIS B 223 -2.23 3.36 3.70
C HIS B 223 -3.51 3.89 4.35
N MET B 224 -4.43 4.35 3.52
CA MET B 224 -5.70 4.89 4.02
C MET B 224 -6.45 3.87 4.87
N SER B 225 -6.37 2.60 4.47
CA SER B 225 -7.01 1.54 5.24
C SER B 225 -6.43 1.38 6.64
N ASN B 226 -5.10 1.32 6.75
CA ASN B 226 -4.44 1.12 8.03
C ASN B 226 -4.70 2.30 8.97
N LYS B 227 -4.83 3.49 8.40
CA LYS B 227 -5.20 4.65 9.20
C LYS B 227 -6.66 4.55 9.65
N GLY B 228 -7.55 4.23 8.71
CA GLY B 228 -8.95 4.07 9.02
C GLY B 228 -9.16 3.00 10.08
N MET B 229 -8.35 1.95 10.02
CA MET B 229 -8.46 0.83 10.93
C MET B 229 -8.08 1.25 12.34
N GLU B 230 -7.01 2.03 12.45
CA GLU B 230 -6.58 2.58 13.73
C GLU B 230 -7.61 3.52 14.31
N HIS B 231 -8.22 4.33 13.45
CA HIS B 231 -9.19 5.31 13.90
C HIS B 231 -10.45 4.65 14.45
N LEU B 232 -10.95 3.66 13.71
CA LEU B 232 -12.13 2.90 14.13
C LEU B 232 -11.89 2.20 15.46
N TYR B 233 -10.68 1.69 15.62
CA TYR B 233 -10.26 1.00 16.82
C TYR B 233 -10.18 1.99 17.99
N SER B 234 -9.74 3.21 17.69
CA SER B 234 -9.73 4.31 18.64
C SER B 234 -11.15 4.72 19.03
N MET B 235 -12.09 4.62 18.08
CA MET B 235 -13.49 4.91 18.35
C MET B 235 -14.10 3.86 19.28
N LYS B 236 -13.80 2.59 19.03
CA LYS B 236 -14.29 1.51 19.90
C LYS B 236 -13.72 1.64 21.30
N CYS B 237 -12.43 1.99 21.41
CA CYS B 237 -11.76 2.12 22.70
C CYS B 237 -12.30 3.28 23.52
N LYS B 238 -12.66 4.35 22.84
CA LYS B 238 -13.24 5.49 23.48
C LYS B 238 -14.75 5.38 23.59
N ASN B 239 -15.28 4.23 23.25
CA ASN B 239 -16.68 3.97 23.40
C ASN B 239 -17.57 4.98 22.72
N VAL B 240 -17.10 5.52 21.61
CA VAL B 240 -17.87 6.47 20.86
C VAL B 240 -19.13 5.84 20.32
N VAL B 241 -18.99 4.63 19.81
CA VAL B 241 -20.03 3.98 19.03
C VAL B 241 -20.04 2.47 19.28
N PRO B 242 -21.24 1.85 19.34
CA PRO B 242 -21.25 0.40 19.49
C PRO B 242 -21.15 -0.28 18.13
N LEU B 243 -20.38 -1.36 18.05
CA LEU B 243 -20.17 -2.00 16.77
C LEU B 243 -20.86 -3.35 16.70
N SER B 244 -21.43 -3.66 15.54
CA SER B 244 -21.99 -4.98 15.29
C SER B 244 -20.90 -6.03 15.38
N ASP B 245 -21.32 -7.29 15.54
CA ASP B 245 -20.38 -8.40 15.64
C ASP B 245 -19.52 -8.56 14.39
N LEU B 246 -20.15 -8.47 13.22
CA LEU B 246 -19.45 -8.56 11.94
C LEU B 246 -18.32 -7.53 11.85
N LEU B 247 -18.65 -6.29 12.15
CA LEU B 247 -17.70 -5.19 12.16
C LEU B 247 -16.60 -5.41 13.19
N LEU B 248 -16.96 -6.00 14.32
CA LEU B 248 -16.00 -6.26 15.38
C LEU B 248 -15.08 -7.43 15.03
N GLU B 249 -15.57 -8.36 14.22
CA GLU B 249 -14.73 -9.47 13.76
C GLU B 249 -13.72 -9.00 12.72
N MET B 250 -14.18 -8.19 11.77
CA MET B 250 -13.30 -7.68 10.71
C MET B 250 -12.23 -6.80 11.33
N LEU B 251 -12.64 -5.91 12.22
CA LEU B 251 -11.72 -5.04 12.96
C LEU B 251 -10.70 -5.85 13.76
N ASP B 252 -11.17 -6.96 14.33
CA ASP B 252 -10.33 -7.78 15.20
C ASP B 252 -9.29 -8.61 14.46
N ALA B 253 -9.50 -8.80 13.16
CA ALA B 253 -8.57 -9.60 12.36
C ALA B 253 -7.29 -8.84 12.14
N HIS B 254 -7.29 -7.55 12.46
CA HIS B 254 -6.11 -6.73 12.25
C HIS B 254 -5.37 -6.51 13.56
N ARG B 255 -5.97 -6.95 14.65
CA ARG B 255 -5.29 -7.06 15.94
C ARG B 255 -4.64 -5.75 16.38
C ACE C 1 -13.14 -21.53 14.90
O ACE C 1 -12.94 -22.22 15.88
CH3 ACE C 1 -12.01 -21.33 13.92
N HIS C 2 -14.31 -20.93 14.62
CA HIS C 2 -14.54 -20.11 13.43
C HIS C 2 -15.41 -18.96 13.80
N LYS C 3 -15.33 -17.94 12.97
CA LYS C 3 -16.01 -16.67 13.16
C LYS C 3 -17.29 -16.67 12.41
C MK8 C 4 -19.16 -15.37 10.69
N MK8 C 4 -18.10 -15.68 12.71
O MK8 C 4 -19.84 -15.97 9.89
CA MK8 C 4 -19.39 -15.44 12.08
CB MK8 C 4 -19.93 -14.14 12.62
CD MK8 C 4 -20.99 -12.61 10.98
CE MK8 C 4 -22.17 -12.25 10.44
CG MK8 C 4 -21.21 -13.71 11.96
CB1 MK8 C 4 -20.36 -16.54 12.48
N LEU C 5 -18.04 -14.69 10.25
CA LEU C 5 -17.58 -14.52 8.88
C LEU C 5 -17.52 -15.74 8.25
N HIS C 6 -16.87 -16.82 8.78
CA HIS C 6 -16.82 -18.11 8.08
C HIS C 6 -18.04 -18.57 7.67
N LYS C 7 -19.22 -18.39 8.34
CA LYS C 7 -20.48 -18.97 7.83
C LYS C 7 -21.00 -18.22 6.84
C MK8 C 8 -20.95 -16.11 4.93
N MK8 C 8 -21.01 -16.89 7.01
O MK8 C 8 -21.58 -16.00 3.90
CA MK8 C 8 -21.53 -15.90 6.15
CB MK8 C 8 -21.10 -14.54 6.62
CD MK8 C 8 -21.61 -12.62 8.09
CE MK8 C 8 -22.45 -12.23 9.08
CG MK8 C 8 -21.80 -14.08 7.84
CB1 MK8 C 8 -23.06 -15.99 6.14
N LEU C 9 -19.63 -16.45 4.84
CA LEU C 9 -18.99 -16.64 3.55
C LEU C 9 -19.31 -17.82 2.96
N GLN C 10 -19.49 -18.99 3.64
CA GLN C 10 -19.78 -20.23 2.93
C GLN C 10 -21.09 -20.35 2.55
N ASP C 11 -22.08 -19.73 3.23
CA ASP C 11 -23.49 -19.91 2.86
C ASP C 11 -24.00 -18.96 1.98
N SER C 12 -23.18 -18.02 1.62
CA SER C 12 -23.66 -16.89 0.91
C SER C 12 -23.28 -16.89 -0.55
N NH2 C 13 -22.42 -17.82 -0.89
C ACE D 1 10.00 25.06 9.69
O ACE D 1 9.36 25.85 10.36
CH3 ACE D 1 9.43 24.48 8.39
N HIS D 2 11.22 24.63 10.05
CA HIS D 2 12.02 23.69 9.30
C HIS D 2 12.10 22.37 10.11
N LYS D 3 13.22 21.65 9.95
CA LYS D 3 13.50 20.36 10.59
C LYS D 3 14.95 20.00 10.32
C MK8 D 4 16.92 17.97 9.42
N MK8 D 4 15.45 18.94 10.95
O MK8 D 4 17.94 18.03 8.76
CA MK8 D 4 16.80 18.48 10.71
CB MK8 D 4 17.12 17.41 11.70
CD MK8 D 4 18.41 15.64 10.55
CE MK8 D 4 19.65 15.07 10.49
CG MK8 D 4 18.51 16.80 11.49
CB1 MK8 D 4 17.71 19.66 10.90
N LEU D 5 15.83 17.35 8.90
CA LEU D 5 15.80 16.77 7.57
C LEU D 5 15.86 17.78 6.62
N HIS D 6 15.24 18.97 6.79
CA HIS D 6 15.33 20.06 5.83
C HIS D 6 16.63 20.46 5.64
N LYS D 7 17.58 20.51 6.65
CA LYS D 7 18.93 20.98 6.36
C LYS D 7 19.66 20.02 5.83
C MK8 D 8 20.06 17.58 4.19
N MK8 D 8 19.46 18.71 6.17
O MK8 D 8 20.89 17.14 3.44
CA MK8 D 8 20.30 17.68 5.54
CB MK8 D 8 20.08 16.34 6.09
CD MK8 D 8 19.79 15.10 8.10
CE MK8 D 8 20.36 14.86 9.33
CG MK8 D 8 20.19 16.40 7.55
CB1 MK8 D 8 21.74 18.05 5.83
N LEU D 9 18.82 17.86 3.72
CA LEU D 9 18.51 17.77 2.31
C LEU D 9 19.01 18.86 1.67
N GLN D 10 19.02 20.07 2.26
CA GLN D 10 19.52 21.30 1.62
C GLN D 10 20.91 21.31 1.56
N ASP D 11 21.67 20.71 2.51
CA ASP D 11 23.10 20.88 2.53
C ASP D 11 23.66 19.79 1.92
C1 EST E . 16.10 -1.30 10.81
C2 EST E . 16.94 -1.22 9.74
C3 EST E . 16.54 -1.62 8.49
O3 EST E . 17.36 -1.53 7.46
C4 EST E . 15.29 -2.12 8.26
C5 EST E . 14.42 -2.23 9.30
C6 EST E . 13.06 -2.77 9.04
C7 EST E . 12.27 -3.02 10.31
C8 EST E . 12.46 -1.95 11.35
C9 EST E . 13.91 -1.90 11.80
C10 EST E . 14.83 -1.78 10.64
C11 EST E . 14.13 -0.82 12.84
C12 EST E . 13.20 -1.01 14.02
C13 EST E . 11.76 -1.16 13.61
C14 EST E . 11.67 -2.26 12.59
C15 EST E . 10.20 -2.54 12.43
C16 EST E . 9.65 -2.25 13.80
C17 EST E . 10.77 -1.67 14.62
O17 EST E . 10.17 -0.67 15.39
C18 EST E . 11.26 0.17 13.07
C1 EST F . -18.04 3.53 5.69
C2 EST F . -18.64 3.14 4.50
C3 EST F . -17.92 3.17 3.30
O3 EST F . -18.51 2.79 2.15
C4 EST F . -16.59 3.60 3.27
C5 EST F . -15.96 3.98 4.45
C6 EST F . -14.51 4.44 4.40
C7 EST F . -14.14 5.20 5.66
C8 EST F . -14.57 4.45 6.91
C9 EST F . -16.10 4.38 7.00
C10 EST F . -16.72 3.94 5.72
C11 EST F . -16.53 3.53 8.21
C12 EST F . -16.02 4.15 9.52
C13 EST F . -14.51 4.37 9.44
C14 EST F . -14.16 5.17 8.19
C15 EST F . -12.69 5.52 8.38
C16 EST F . -12.58 5.72 9.89
C17 EST F . -13.91 5.27 10.51
O17 EST F . -13.69 4.59 11.74
C18 EST F . -13.78 3.03 9.45
#